data_3LVR
#
_entry.id   3LVR
#
_cell.length_a   146.450
_cell.length_b   146.450
_cell.length_c   49.620
_cell.angle_alpha   90.00
_cell.angle_beta   90.00
_cell.angle_gamma   120.00
#
_symmetry.space_group_name_H-M   'P 62'
#
loop_
_entity.id
_entity.type
_entity.pdbx_description
1 polymer 'Arf-GAP with SH3 domain, ANK repeat and PH domain-containing protein 3, ADP-ribosylation factor 6'
2 non-polymer 'ZINC ION'
3 non-polymer 'MAGNESIUM ION'
4 non-polymer "GUANOSINE-5'-DIPHOSPHATE"
5 non-polymer 'ALUMINUM FLUORIDE'
6 non-polymer 'CALCIUM ION'
7 water water
#
_entity_poly.entity_id   1
_entity_poly.type   'polypeptide(L)'
_entity_poly.pdbx_seq_one_letter_code
;GHDGEPHDLTKLLIAEVKSRPGNSQCCDCGAADPTWLSTNLGVLTCIQCSGVHRELGVRFSRMQSLTLDLLGPSELLLAL
NMGNTSFNEVMEAQLPSHGGPKPSAESDMGTRRDYIMAKYVEHRFARRCTPEPQRLWTAICNRDLLSVLEAFANGQDFGQ
PLPGPDAQAPEELVLHLAVKVANQASLPLVDFIIQNGGHLDAKAADGNTALHYAALYNQPDCLKLLLKGRALVGTVNEAG
ETALDIARKKHHKECEELLEQAQAGTFAFPLHVDYSWVISTENLSSDSSLSSPSALNSLSSPSALNSTASNSPGIEGLSN
KEMRILMLGLDAAGKTTILYKLKLGQSVTTIPTVGFNVETVTYKNVKFNVWDVGGQDKIRPLWRHYYTGTQGLIFVVDCA
DRDRIDEARQELHRIINDREMRDAIILIFANKQDLPDAMKPHEIQEKLGLTRIRDRNWYVQPSCATSGDGLYEGLTWLTS
NYKSKLAAALEHHHHHH
;
_entity_poly.pdbx_strand_id   E
#
loop_
_chem_comp.id
_chem_comp.type
_chem_comp.name
_chem_comp.formula
AF3 non-polymer 'ALUMINUM FLUORIDE' 'Al F3'
CA non-polymer 'CALCIUM ION' 'Ca 2'
GDP RNA linking GUANOSINE-5'-DIPHOSPHATE 'C10 H15 N5 O11 P2'
MG non-polymer 'MAGNESIUM ION' 'Mg 2'
ZN non-polymer 'ZINC ION' 'Zn 2'
#
# COMPACT_ATOMS: atom_id res chain seq x y z
N ASP A 8 11.85 -18.22 -6.56
CA ASP A 8 12.38 -19.61 -6.47
C ASP A 8 11.54 -20.44 -5.49
N LEU A 9 11.36 -19.90 -4.28
CA LEU A 9 10.49 -20.52 -3.26
C LEU A 9 9.09 -19.98 -3.45
N THR A 10 9.02 -18.83 -4.11
CA THR A 10 7.78 -18.08 -4.30
C THR A 10 7.14 -18.40 -5.65
N LYS A 11 7.96 -18.75 -6.63
CA LYS A 11 7.50 -19.23 -7.94
C LYS A 11 6.30 -20.17 -7.80
N LEU A 12 6.39 -21.09 -6.84
CA LEU A 12 5.33 -22.04 -6.52
C LEU A 12 4.08 -21.37 -6.00
N LEU A 13 4.25 -20.46 -5.04
CA LEU A 13 3.15 -19.75 -4.41
C LEU A 13 2.41 -18.86 -5.41
N ILE A 14 3.15 -18.18 -6.28
CA ILE A 14 2.57 -17.40 -7.37
C ILE A 14 1.68 -18.30 -8.22
N ALA A 15 2.24 -19.43 -8.65
CA ALA A 15 1.52 -20.41 -9.46
C ALA A 15 0.26 -20.90 -8.76
N GLU A 16 0.34 -21.07 -7.45
CA GLU A 16 -0.80 -21.48 -6.65
C GLU A 16 -1.83 -20.38 -6.48
N VAL A 17 -1.39 -19.13 -6.45
CA VAL A 17 -2.31 -18.01 -6.34
C VAL A 17 -3.19 -17.93 -7.59
N LYS A 18 -2.57 -18.10 -8.75
CA LYS A 18 -3.27 -17.98 -10.03
C LYS A 18 -4.32 -19.07 -10.26
N SER A 19 -4.13 -20.22 -9.61
CA SER A 19 -4.97 -21.40 -9.82
C SER A 19 -6.18 -21.47 -8.87
N ARG A 20 -6.30 -20.48 -8.00
CA ARG A 20 -7.48 -20.32 -7.13
C ARG A 20 -8.75 -20.21 -7.98
N PRO A 21 -9.92 -20.50 -7.39
CA PRO A 21 -11.15 -20.35 -8.16
C PRO A 21 -11.40 -18.88 -8.55
N GLY A 22 -11.62 -18.65 -9.84
CA GLY A 22 -11.97 -17.34 -10.39
C GLY A 22 -10.80 -16.44 -10.71
N ASN A 23 -9.59 -16.88 -10.32
CA ASN A 23 -8.37 -16.10 -10.53
C ASN A 23 -7.85 -16.14 -11.96
N SER A 24 -8.42 -17.01 -12.80
CA SER A 24 -8.12 -17.04 -14.23
C SER A 24 -8.94 -15.99 -14.99
N GLN A 25 -9.61 -15.13 -14.24
CA GLN A 25 -10.31 -13.95 -14.77
C GLN A 25 -10.09 -12.76 -13.83
N CYS A 26 -10.11 -11.55 -14.36
CA CYS A 26 -9.97 -10.34 -13.54
C CYS A 26 -11.12 -10.23 -12.55
N CYS A 27 -10.81 -9.75 -11.36
CA CYS A 27 -11.79 -9.61 -10.29
C CYS A 27 -12.95 -8.67 -10.65
N ASP A 28 -12.67 -7.67 -11.47
CA ASP A 28 -13.61 -6.57 -11.72
C ASP A 28 -14.20 -6.54 -13.13
N CYS A 29 -13.50 -7.13 -14.10
CA CYS A 29 -13.98 -7.16 -15.49
C CYS A 29 -13.77 -8.52 -16.18
N GLY A 30 -13.31 -9.51 -15.41
CA GLY A 30 -13.22 -10.90 -15.86
C GLY A 30 -12.30 -11.17 -17.05
N ALA A 31 -11.31 -10.31 -17.25
CA ALA A 31 -10.42 -10.39 -18.40
C ALA A 31 -9.50 -11.61 -18.38
N ALA A 32 -8.81 -11.85 -19.48
CA ALA A 32 -7.85 -12.94 -19.61
C ALA A 32 -6.85 -12.95 -18.45
N ASP A 33 -6.57 -14.14 -17.93
CA ASP A 33 -5.73 -14.38 -16.73
C ASP A 33 -4.87 -13.22 -16.23
N PRO A 34 -5.38 -12.48 -15.22
CA PRO A 34 -4.83 -11.25 -14.64
C PRO A 34 -3.55 -11.45 -13.83
N THR A 35 -2.67 -10.46 -13.83
CA THR A 35 -1.37 -10.60 -13.19
C THR A 35 -1.16 -9.65 -12.00
N TRP A 36 -2.20 -8.87 -11.68
CA TRP A 36 -2.06 -7.78 -10.72
C TRP A 36 -2.85 -8.03 -9.44
N LEU A 37 -2.12 -8.07 -8.32
CA LEU A 37 -2.68 -8.46 -7.03
C LEU A 37 -2.92 -7.27 -6.11
N SER A 38 -4.15 -7.19 -5.58
CA SER A 38 -4.45 -6.26 -4.50
C SER A 38 -4.16 -6.98 -3.19
N THR A 39 -2.94 -6.81 -2.72
CA THR A 39 -2.36 -7.62 -1.64
C THR A 39 -3.14 -7.63 -0.33
N ASN A 40 -3.85 -6.55 -0.06
CA ASN A 40 -4.63 -6.44 1.16
C ASN A 40 -6.02 -7.04 1.01
N LEU A 41 -6.37 -7.46 -0.20
CA LEU A 41 -7.67 -8.06 -0.45
C LEU A 41 -7.56 -9.48 -1.00
N GLY A 42 -6.34 -9.84 -1.41
CA GLY A 42 -6.09 -11.14 -2.03
C GLY A 42 -6.92 -11.38 -3.27
N VAL A 43 -6.88 -10.44 -4.21
CA VAL A 43 -7.64 -10.54 -5.46
C VAL A 43 -6.77 -10.23 -6.68
N LEU A 44 -7.22 -10.65 -7.85
CA LEU A 44 -6.44 -10.49 -9.08
C LEU A 44 -7.15 -9.67 -10.14
N THR A 45 -6.52 -8.60 -10.58
CA THR A 45 -7.09 -7.76 -11.63
C THR A 45 -6.16 -7.63 -12.83
N CYS A 46 -6.74 -7.32 -13.98
CA CYS A 46 -5.97 -7.05 -15.19
C CYS A 46 -5.23 -5.73 -15.03
N ILE A 47 -4.35 -5.42 -15.96
CA ILE A 47 -3.57 -4.17 -15.91
C ILE A 47 -4.45 -2.93 -16.01
N GLN A 48 -5.62 -3.09 -16.63
CA GLN A 48 -6.55 -1.99 -16.89
C GLN A 48 -7.39 -1.63 -15.67
N CYS A 49 -7.93 -2.64 -15.01
CA CYS A 49 -8.63 -2.46 -13.75
C CYS A 49 -7.63 -2.07 -12.67
N SER A 50 -6.44 -2.68 -12.76
CA SER A 50 -5.34 -2.43 -11.83
C SER A 50 -5.11 -0.95 -11.53
N GLY A 51 -5.14 -0.13 -12.57
CA GLY A 51 -4.82 1.28 -12.46
C GLY A 51 -5.79 2.06 -11.61
N VAL A 52 -7.05 1.65 -11.60
CA VAL A 52 -8.07 2.33 -10.82
C VAL A 52 -7.85 2.07 -9.34
N HIS A 53 -7.50 0.84 -8.97
CA HIS A 53 -7.11 0.52 -7.59
C HIS A 53 -5.99 1.44 -7.11
N ARG A 54 -4.99 1.64 -7.95
CA ARG A 54 -3.88 2.53 -7.67
C ARG A 54 -4.38 3.96 -7.47
N GLU A 55 -5.50 4.28 -8.13
CA GLU A 55 -6.15 5.57 -7.99
C GLU A 55 -6.87 5.69 -6.64
N LEU A 56 -7.41 4.59 -6.13
CA LEU A 56 -8.11 4.60 -4.85
C LEU A 56 -7.18 4.83 -3.67
N GLY A 57 -5.91 4.48 -3.85
CA GLY A 57 -4.90 4.68 -2.82
C GLY A 57 -4.61 3.42 -2.03
N VAL A 58 -3.45 3.37 -1.39
CA VAL A 58 -3.04 2.26 -0.53
C VAL A 58 -4.01 2.05 0.65
N ARG A 59 -4.79 3.08 0.94
CA ARG A 59 -5.82 3.00 1.96
C ARG A 59 -6.85 1.91 1.63
N PHE A 60 -7.20 1.78 0.35
CA PHE A 60 -8.22 0.81 -0.09
C PHE A 60 -7.63 -0.42 -0.76
N SER A 61 -6.51 -0.23 -1.46
CA SER A 61 -5.93 -1.29 -2.28
C SER A 61 -4.42 -1.12 -2.44
N ARG A 62 -3.70 -2.23 -2.39
CA ARG A 62 -2.26 -2.20 -2.60
C ARG A 62 -1.91 -3.14 -3.73
N MET A 63 -1.60 -2.55 -4.88
CA MET A 63 -1.33 -3.33 -6.07
C MET A 63 0.14 -3.73 -6.20
N GLN A 64 0.35 -5.01 -6.49
CA GLN A 64 1.65 -5.50 -6.94
C GLN A 64 1.41 -6.41 -8.15
N SER A 65 2.35 -6.43 -9.07
CA SER A 65 2.29 -7.37 -10.18
C SER A 65 2.96 -8.67 -9.74
N LEU A 66 2.30 -9.78 -10.07
CA LEU A 66 2.90 -11.10 -9.88
C LEU A 66 4.06 -11.25 -10.88
N THR A 67 3.87 -10.67 -12.06
CA THR A 67 4.84 -10.70 -13.15
C THR A 67 6.01 -9.74 -12.89
N LEU A 68 5.72 -8.54 -12.37
CA LEU A 68 6.71 -7.46 -12.35
C LEU A 68 7.21 -6.97 -11.00
N ASP A 69 6.45 -7.19 -9.94
CA ASP A 69 6.90 -6.81 -8.61
C ASP A 69 7.59 -8.00 -7.93
N LEU A 70 8.42 -7.71 -6.92
CA LEU A 70 9.11 -8.77 -6.17
C LEU A 70 8.35 -9.09 -4.90
N LEU A 71 7.89 -10.34 -4.79
CA LEU A 71 6.97 -10.73 -3.73
C LEU A 71 7.49 -11.88 -2.88
N GLY A 72 7.23 -11.77 -1.57
CA GLY A 72 7.62 -12.80 -0.61
C GLY A 72 6.44 -13.61 -0.12
N PRO A 73 6.72 -14.79 0.49
CA PRO A 73 5.67 -15.66 1.02
C PRO A 73 4.68 -14.90 1.90
N SER A 74 5.21 -13.96 2.68
CA SER A 74 4.41 -13.19 3.64
C SER A 74 3.33 -12.32 2.99
N GLU A 75 3.66 -11.71 1.84
CA GLU A 75 2.74 -10.82 1.12
C GLU A 75 1.60 -11.55 0.41
N LEU A 76 1.77 -12.86 0.22
CA LEU A 76 0.84 -13.69 -0.54
C LEU A 76 -0.14 -14.46 0.34
N LEU A 77 -0.29 -14.02 1.59
CA LEU A 77 -1.13 -14.75 2.54
C LEU A 77 -2.59 -14.74 2.14
N LEU A 78 -3.21 -13.56 2.08
CA LEU A 78 -4.61 -13.45 1.67
C LEU A 78 -4.83 -13.93 0.25
N ALA A 79 -3.86 -13.68 -0.62
CA ALA A 79 -3.95 -14.10 -2.03
C ALA A 79 -4.25 -15.60 -2.15
N LEU A 80 -3.51 -16.40 -1.39
CA LEU A 80 -3.69 -17.84 -1.37
C LEU A 80 -4.93 -18.25 -0.59
N ASN A 81 -5.45 -17.35 0.24
CA ASN A 81 -6.59 -17.66 1.09
C ASN A 81 -7.87 -16.90 0.75
N MET A 82 -7.87 -16.20 -0.38
CA MET A 82 -9.02 -15.42 -0.81
C MET A 82 -9.38 -15.75 -2.26
N GLY A 83 -8.76 -15.06 -3.20
CA GLY A 83 -9.06 -15.23 -4.61
C GLY A 83 -10.39 -14.64 -5.03
N ASN A 84 -10.52 -14.36 -6.32
CA ASN A 84 -11.66 -13.63 -6.88
C ASN A 84 -13.05 -14.17 -6.54
N THR A 85 -13.29 -15.46 -6.78
CA THR A 85 -14.62 -16.05 -6.61
C THR A 85 -15.10 -15.89 -5.18
N SER A 86 -14.27 -16.27 -4.22
CA SER A 86 -14.60 -16.14 -2.81
C SER A 86 -14.95 -14.70 -2.47
N PHE A 87 -14.08 -13.79 -2.91
CA PHE A 87 -14.22 -12.35 -2.65
C PHE A 87 -15.50 -11.78 -3.24
N ASN A 88 -15.67 -11.92 -4.56
CA ASN A 88 -16.83 -11.38 -5.27
C ASN A 88 -18.18 -11.95 -4.82
N GLU A 89 -18.15 -13.18 -4.29
CA GLU A 89 -19.30 -13.82 -3.67
C GLU A 89 -19.91 -12.92 -2.59
N VAL A 90 -19.06 -12.24 -1.84
CA VAL A 90 -19.48 -11.26 -0.85
C VAL A 90 -19.75 -9.93 -1.54
N MET A 91 -18.75 -9.44 -2.27
CA MET A 91 -18.69 -8.05 -2.76
C MET A 91 -19.53 -7.76 -3.99
N GLU A 92 -19.92 -8.81 -4.71
CA GLU A 92 -20.78 -8.67 -5.88
C GLU A 92 -22.05 -9.50 -5.72
N ALA A 93 -22.42 -9.75 -4.47
CA ALA A 93 -23.56 -10.60 -4.16
C ALA A 93 -24.83 -10.08 -4.81
N GLN A 94 -25.09 -8.78 -4.69
CA GLN A 94 -26.30 -8.18 -5.27
C GLN A 94 -26.08 -7.64 -6.70
N LEU A 95 -25.38 -8.45 -7.49
CA LEU A 95 -25.14 -8.17 -8.90
C LEU A 95 -25.94 -9.20 -9.72
N PRO A 96 -26.80 -8.73 -10.64
CA PRO A 96 -27.54 -9.66 -11.48
C PRO A 96 -26.71 -10.16 -12.67
N SER A 97 -27.25 -11.12 -13.42
CA SER A 97 -26.60 -11.67 -14.60
C SER A 97 -26.69 -10.70 -15.79
N HIS A 98 -27.92 -10.37 -16.17
CA HIS A 98 -28.21 -9.52 -17.32
C HIS A 98 -28.13 -8.02 -16.97
N GLY A 99 -27.60 -7.24 -17.91
CA GLY A 99 -27.47 -5.78 -17.75
C GLY A 99 -26.63 -5.32 -16.56
N GLY A 100 -25.81 -6.23 -16.03
CA GLY A 100 -24.96 -5.94 -14.86
C GLY A 100 -24.01 -4.79 -15.10
N PRO A 101 -23.81 -3.92 -14.10
CA PRO A 101 -22.91 -2.77 -14.25
C PRO A 101 -21.44 -3.18 -14.38
N LYS A 102 -21.15 -4.44 -14.04
CA LYS A 102 -19.79 -4.99 -14.16
C LYS A 102 -19.36 -5.10 -15.62
N PRO A 103 -18.16 -4.58 -15.95
CA PRO A 103 -17.66 -4.47 -17.31
C PRO A 103 -16.87 -5.70 -17.79
N SER A 104 -16.30 -5.59 -18.99
CA SER A 104 -15.56 -6.69 -19.61
C SER A 104 -14.21 -6.26 -20.16
N ALA A 105 -13.43 -7.25 -20.62
CA ALA A 105 -12.10 -7.07 -21.19
C ALA A 105 -11.73 -5.64 -21.59
N GLU A 106 -12.28 -5.18 -22.71
CA GLU A 106 -12.06 -3.82 -23.17
C GLU A 106 -13.33 -2.97 -23.11
N SER A 107 -13.60 -2.43 -21.92
CA SER A 107 -14.70 -1.51 -21.71
C SER A 107 -14.16 -0.10 -21.57
N ASP A 108 -15.06 0.88 -21.75
CA ASP A 108 -14.72 2.29 -21.59
C ASP A 108 -14.15 2.54 -20.19
N MET A 109 -12.98 3.17 -20.15
CA MET A 109 -12.33 3.53 -18.90
C MET A 109 -13.28 4.24 -17.92
N GLY A 110 -14.09 5.16 -18.42
CA GLY A 110 -15.09 5.84 -17.61
C GLY A 110 -16.01 4.86 -16.90
N THR A 111 -16.54 3.90 -17.68
CA THR A 111 -17.45 2.88 -17.16
C THR A 111 -16.78 1.97 -16.13
N ARG A 112 -15.53 1.61 -16.40
CA ARG A 112 -14.74 0.77 -15.50
C ARG A 112 -14.51 1.49 -14.18
N ARG A 113 -14.01 2.71 -14.29
CA ARG A 113 -13.69 3.57 -13.16
C ARG A 113 -14.91 3.80 -12.27
N ASP A 114 -16.03 4.15 -12.89
CA ASP A 114 -17.27 4.40 -12.16
C ASP A 114 -17.76 3.17 -11.39
N TYR A 115 -17.51 2.00 -11.95
CA TYR A 115 -17.91 0.74 -11.32
C TYR A 115 -17.00 0.37 -10.16
N ILE A 116 -15.68 0.36 -10.40
CA ILE A 116 -14.69 -0.06 -9.40
C ILE A 116 -14.68 0.83 -8.15
N MET A 117 -14.95 2.12 -8.36
CA MET A 117 -15.02 3.09 -7.28
C MET A 117 -16.27 2.86 -6.43
N ALA A 118 -17.38 2.49 -7.07
CA ALA A 118 -18.62 2.17 -6.39
C ALA A 118 -18.52 0.84 -5.61
N LYS A 119 -17.77 -0.10 -6.18
CA LYS A 119 -17.63 -1.44 -5.62
C LYS A 119 -16.78 -1.49 -4.34
N TYR A 120 -15.57 -0.94 -4.41
CA TYR A 120 -14.58 -1.09 -3.34
C TYR A 120 -14.62 0.00 -2.28
N VAL A 121 -15.00 1.22 -2.69
CA VAL A 121 -15.03 2.35 -1.76
C VAL A 121 -16.42 2.50 -1.15
N GLU A 122 -17.43 2.50 -2.01
CA GLU A 122 -18.81 2.74 -1.61
C GLU A 122 -19.48 1.44 -1.16
N HIS A 123 -19.00 0.31 -1.68
CA HIS A 123 -19.54 -1.03 -1.37
C HIS A 123 -20.98 -1.26 -1.81
N ARG A 124 -21.36 -0.74 -2.97
CA ARG A 124 -22.75 -0.87 -3.46
C ARG A 124 -23.22 -2.31 -3.58
N PHE A 125 -22.43 -3.13 -4.28
CA PHE A 125 -22.88 -4.45 -4.72
C PHE A 125 -22.64 -5.57 -3.72
N ALA A 126 -22.15 -5.21 -2.53
CA ALA A 126 -21.83 -6.20 -1.50
C ALA A 126 -23.06 -6.57 -0.69
N ARG A 127 -23.12 -7.84 -0.26
CA ARG A 127 -24.23 -8.34 0.54
C ARG A 127 -24.47 -7.46 1.77
N ARG A 128 -25.74 -7.29 2.12
CA ARG A 128 -26.12 -6.30 3.12
C ARG A 128 -26.59 -6.89 4.44
N CYS A 129 -26.14 -6.27 5.52
CA CYS A 129 -26.69 -6.45 6.88
C CYS A 129 -25.99 -5.50 7.86
N THR A 130 -26.25 -5.65 9.15
CA THR A 130 -25.69 -4.77 10.16
C THR A 130 -24.19 -5.02 10.33
N GLU A 132 -22.80 -5.45 12.67
CA GLU A 132 -23.45 -6.21 13.72
C GLU A 132 -22.40 -6.74 14.70
N PRO A 133 -22.54 -6.37 15.99
CA PRO A 133 -21.45 -6.51 16.98
C PRO A 133 -20.93 -7.94 17.17
N GLN A 134 -21.77 -8.83 17.68
CA GLN A 134 -21.32 -10.15 18.14
C GLN A 134 -20.96 -11.13 17.02
N ARG A 135 -21.69 -11.09 15.90
CA ARG A 135 -21.48 -12.03 14.80
C ARG A 135 -20.04 -12.00 14.32
N LEU A 136 -19.42 -10.83 14.42
CA LEU A 136 -18.03 -10.66 14.08
C LEU A 136 -17.15 -11.49 15.01
N TRP A 137 -17.31 -11.27 16.32
CA TRP A 137 -16.59 -12.02 17.35
C TRP A 137 -16.66 -13.52 17.08
N THR A 138 -17.85 -13.99 16.68
CA THR A 138 -18.12 -15.39 16.36
C THR A 138 -17.34 -15.85 15.13
N ALA A 139 -17.32 -15.01 14.10
CA ALA A 139 -16.60 -15.29 12.85
C ALA A 139 -15.10 -15.40 13.06
N ILE A 140 -14.58 -14.59 13.97
CA ILE A 140 -13.16 -14.54 14.23
C ILE A 140 -12.66 -15.85 14.83
N CYS A 141 -13.31 -16.30 15.90
CA CYS A 141 -12.93 -17.56 16.53
C CYS A 141 -13.29 -18.75 15.65
N ASN A 142 -14.37 -18.62 14.87
CA ASN A 142 -14.70 -19.58 13.82
C ASN A 142 -13.65 -19.60 12.72
N ARG A 143 -12.84 -18.54 12.67
CA ARG A 143 -11.85 -18.30 11.63
C ARG A 143 -12.48 -18.10 10.24
N ASP A 144 -13.75 -17.72 10.23
CA ASP A 144 -14.51 -17.50 9.00
C ASP A 144 -14.13 -16.16 8.35
N LEU A 145 -13.07 -16.20 7.55
CA LEU A 145 -12.57 -15.02 6.85
C LEU A 145 -13.64 -14.36 6.01
N LEU A 146 -14.44 -15.18 5.35
CA LEU A 146 -15.45 -14.69 4.43
C LEU A 146 -16.51 -13.85 5.13
N SER A 147 -16.86 -14.23 6.36
CA SER A 147 -17.81 -13.45 7.17
C SER A 147 -17.17 -12.17 7.70
N VAL A 148 -15.89 -12.23 8.05
CA VAL A 148 -15.15 -11.05 8.46
C VAL A 148 -15.16 -10.05 7.33
N LEU A 149 -14.98 -10.55 6.10
CA LEU A 149 -15.04 -9.73 4.91
C LEU A 149 -16.43 -9.13 4.74
N GLU A 150 -17.46 -9.94 4.99
CA GLU A 150 -18.83 -9.45 4.95
C GLU A 150 -18.97 -8.25 5.88
N ALA A 151 -18.47 -8.38 7.11
CA ALA A 151 -18.53 -7.31 8.11
C ALA A 151 -17.85 -6.05 7.59
N PHE A 152 -16.65 -6.23 7.07
CA PHE A 152 -15.85 -5.15 6.47
C PHE A 152 -16.59 -4.45 5.33
N ALA A 153 -17.30 -5.24 4.53
CA ALA A 153 -18.07 -4.72 3.40
C ALA A 153 -19.33 -3.93 3.79
N ASN A 154 -19.93 -4.28 4.93
CA ASN A 154 -21.08 -3.54 5.42
C ASN A 154 -20.73 -2.29 6.23
N GLY A 155 -19.42 -2.06 6.43
CA GLY A 155 -18.91 -0.86 7.08
C GLY A 155 -18.80 -1.00 8.60
N GLN A 156 -18.03 -1.98 9.05
CA GLN A 156 -17.95 -2.31 10.47
C GLN A 156 -17.05 -1.40 11.30
N ASP A 157 -15.93 -0.98 10.72
CA ASP A 157 -14.95 -0.16 11.44
C ASP A 157 -14.31 -0.96 12.57
N PHE A 158 -13.18 -1.58 12.26
CA PHE A 158 -12.51 -2.46 13.20
C PHE A 158 -11.86 -1.71 14.36
N GLY A 159 -11.74 -0.40 14.20
CA GLY A 159 -11.14 0.48 15.20
C GLY A 159 -11.83 0.50 16.54
N GLN A 160 -13.16 0.38 16.55
CA GLN A 160 -13.95 0.41 17.78
C GLN A 160 -14.22 -0.99 18.35
N PRO A 161 -14.32 -1.10 19.69
CA PRO A 161 -14.39 -2.40 20.38
C PRO A 161 -15.79 -3.00 20.49
N LEU A 162 -15.83 -4.30 20.72
CA LEU A 162 -17.09 -5.05 20.88
C LEU A 162 -17.17 -5.62 22.29
N PRO A 163 -18.40 -5.71 22.86
CA PRO A 163 -18.57 -6.45 24.12
C PRO A 163 -18.35 -7.96 23.92
N GLY A 164 -17.84 -8.63 24.95
CA GLY A 164 -17.58 -10.07 24.91
C GLY A 164 -18.65 -10.92 25.57
N PRO A 165 -18.34 -12.20 25.88
CA PRO A 165 -19.29 -13.14 26.49
C PRO A 165 -19.60 -12.84 27.97
N ASP A 166 -19.85 -13.90 28.75
CA ASP A 166 -20.30 -13.80 30.15
C ASP A 166 -19.47 -12.85 31.02
N ALA A 167 -20.15 -12.21 31.98
CA ALA A 167 -19.55 -11.23 32.90
C ALA A 167 -18.64 -10.22 32.18
N GLN A 168 -19.19 -9.56 31.17
CA GLN A 168 -18.43 -8.65 30.29
C GLN A 168 -18.09 -7.30 30.94
N ALA A 169 -17.32 -7.36 32.03
CA ALA A 169 -16.82 -6.16 32.73
C ALA A 169 -15.79 -5.36 31.91
N PRO A 170 -14.86 -6.04 31.20
CA PRO A 170 -13.99 -5.31 30.26
C PRO A 170 -14.52 -5.29 28.82
N GLU A 171 -13.76 -4.71 27.91
CA GLU A 171 -14.14 -4.64 26.49
C GLU A 171 -12.90 -4.66 25.59
N GLU A 172 -12.87 -5.59 24.64
CA GLU A 172 -11.74 -5.75 23.72
C GLU A 172 -12.10 -5.40 22.28
N LEU A 173 -11.14 -4.82 21.57
CA LEU A 173 -11.34 -4.46 20.16
C LEU A 173 -10.93 -5.59 19.23
N VAL A 174 -11.57 -5.61 18.06
CA VAL A 174 -11.47 -6.70 17.08
C VAL A 174 -10.08 -7.34 16.98
N LEU A 175 -9.08 -6.57 16.55
CA LEU A 175 -7.73 -7.10 16.31
C LEU A 175 -7.10 -7.77 17.54
N HIS A 176 -7.26 -7.13 18.69
CA HIS A 176 -6.77 -7.69 19.95
C HIS A 176 -7.24 -9.12 20.14
N LEU A 177 -8.52 -9.37 19.86
CA LEU A 177 -9.10 -10.72 19.99
C LEU A 177 -8.48 -11.69 19.00
N ALA A 178 -8.55 -11.36 17.71
CA ALA A 178 -8.06 -12.23 16.64
C ALA A 178 -6.69 -12.80 16.92
N VAL A 179 -5.83 -11.99 17.55
CA VAL A 179 -4.49 -12.39 17.95
C VAL A 179 -4.53 -13.44 19.07
N LYS A 180 -5.29 -13.16 20.13
CA LYS A 180 -5.44 -14.06 21.26
C LYS A 180 -5.82 -15.47 20.81
N VAL A 181 -6.84 -15.57 19.94
CA VAL A 181 -7.41 -16.86 19.52
C VAL A 181 -6.91 -17.32 18.13
N ALA A 182 -5.60 -17.22 17.91
CA ALA A 182 -5.03 -17.48 16.60
C ALA A 182 -4.09 -18.69 16.52
N ASN A 183 -4.08 -19.33 15.36
CA ASN A 183 -3.12 -20.37 15.02
C ASN A 183 -2.73 -20.26 13.53
N GLN A 184 -2.10 -21.30 12.99
CA GLN A 184 -1.69 -21.33 11.59
C GLN A 184 -2.84 -20.91 10.67
N ALA A 185 -3.98 -21.57 10.84
CA ALA A 185 -5.15 -21.33 9.99
C ALA A 185 -5.80 -19.96 10.24
N SER A 186 -5.63 -19.43 11.45
CA SER A 186 -6.25 -18.17 11.86
C SER A 186 -5.52 -16.96 11.29
N LEU A 187 -4.38 -17.19 10.65
CA LEU A 187 -3.51 -16.10 10.21
C LEU A 187 -4.11 -15.10 9.22
N PRO A 188 -4.64 -15.55 8.06
CA PRO A 188 -5.07 -14.59 7.06
C PRO A 188 -6.04 -13.51 7.56
N LEU A 189 -6.87 -13.85 8.55
CA LEU A 189 -7.84 -12.90 9.12
C LEU A 189 -7.10 -11.83 9.90
N VAL A 190 -6.09 -12.25 10.66
CA VAL A 190 -5.20 -11.35 11.38
C VAL A 190 -4.63 -10.32 10.40
N ASP A 191 -4.11 -10.82 9.28
CA ASP A 191 -3.52 -9.98 8.23
C ASP A 191 -4.55 -9.09 7.56
N PHE A 192 -5.73 -9.64 7.28
CA PHE A 192 -6.78 -8.83 6.68
C PHE A 192 -7.14 -7.69 7.59
N ILE A 193 -7.38 -8.00 8.86
CA ILE A 193 -7.76 -7.00 9.85
C ILE A 193 -6.72 -5.88 9.93
N ILE A 194 -5.45 -6.23 10.00
CA ILE A 194 -4.38 -5.22 10.08
C ILE A 194 -4.41 -4.25 8.88
N GLN A 195 -4.40 -4.82 7.69
CA GLN A 195 -4.30 -4.05 6.47
C GLN A 195 -5.58 -3.34 6.07
N ASN A 196 -6.69 -3.57 6.76
CA ASN A 196 -7.97 -3.04 6.31
C ASN A 196 -8.83 -2.13 7.20
N GLY A 197 -8.69 -2.28 8.51
CA GLY A 197 -9.33 -1.37 9.45
C GLY A 197 -8.55 -1.28 10.74
N GLY A 198 -7.39 -1.95 10.73
CA GLY A 198 -6.57 -2.10 11.91
C GLY A 198 -5.89 -0.82 12.33
N HIS A 199 -6.39 -0.26 13.43
CA HIS A 199 -5.67 0.78 14.15
C HIS A 199 -4.59 0.01 14.92
N LEU A 200 -3.43 -0.14 14.28
CA LEU A 200 -2.40 -1.05 14.76
C LEU A 200 -1.90 -0.71 16.16
N ASP A 201 -1.78 0.57 16.45
CA ASP A 201 -1.23 1.05 17.73
C ASP A 201 -2.32 1.47 18.72
N ALA A 202 -3.45 0.78 18.69
CA ALA A 202 -4.54 1.04 19.62
C ALA A 202 -4.23 0.44 20.99
N LYS A 203 -4.92 0.92 22.02
CA LYS A 203 -4.62 0.53 23.40
C LYS A 203 -5.80 -0.12 24.13
N ALA A 204 -6.83 0.68 24.43
CA ALA A 204 -8.00 0.26 25.22
C ALA A 204 -7.62 -0.52 26.48
N ASP A 206 -6.66 -2.30 29.08
CA ASP A 206 -5.94 -1.57 30.11
C ASP A 206 -4.70 -0.87 29.54
N GLY A 207 -4.77 -0.48 28.28
CA GLY A 207 -3.65 0.20 27.61
C GLY A 207 -2.64 -0.74 26.99
N ASN A 208 -2.97 -2.03 26.95
CA ASN A 208 -2.14 -3.03 26.28
C ASN A 208 -2.27 -2.93 24.78
N THR A 209 -1.14 -2.86 24.08
CA THR A 209 -1.12 -2.87 22.63
C THR A 209 -1.41 -4.26 22.10
N ALA A 210 -1.85 -4.34 20.85
CA ALA A 210 -2.02 -5.62 20.18
C ALA A 210 -0.71 -6.41 20.20
N LEU A 211 0.40 -5.68 20.26
CA LEU A 211 1.74 -6.26 20.32
C LEU A 211 1.92 -7.02 21.63
N HIS A 212 1.54 -6.39 22.74
CA HIS A 212 1.63 -7.00 24.07
C HIS A 212 0.96 -8.36 24.10
N TYR A 213 -0.31 -8.39 23.70
CA TYR A 213 -1.15 -9.60 23.69
C TYR A 213 -0.45 -10.79 23.01
N ALA A 214 0.19 -10.52 21.88
CA ALA A 214 0.90 -11.54 21.11
C ALA A 214 1.96 -12.27 21.94
N ALA A 215 2.56 -11.55 22.88
CA ALA A 215 3.57 -12.12 23.76
C ALA A 215 2.97 -12.90 24.93
N LEU A 216 1.73 -12.54 25.29
CA LEU A 216 1.05 -13.16 26.41
C LEU A 216 0.52 -14.55 26.09
N TYR A 217 0.06 -14.74 24.85
CA TYR A 217 -0.59 -15.97 24.45
C TYR A 217 0.27 -16.85 23.55
N ASN A 218 1.54 -16.46 23.43
CA ASN A 218 2.53 -17.17 22.59
C ASN A 218 2.06 -17.30 21.14
N GLN A 219 2.06 -16.17 20.43
CA GLN A 219 1.56 -16.13 19.06
C GLN A 219 2.67 -15.69 18.10
N PRO A 220 3.61 -16.60 17.78
CA PRO A 220 4.82 -16.23 17.05
C PRO A 220 4.51 -15.63 15.68
N ASP A 221 3.69 -16.32 14.90
CA ASP A 221 3.33 -15.89 13.55
C ASP A 221 2.51 -14.61 13.53
N CYS A 222 1.81 -14.33 14.64
CA CYS A 222 1.08 -13.09 14.80
C CYS A 222 2.04 -11.93 15.01
N LEU A 223 3.10 -12.16 15.79
CA LEU A 223 4.17 -11.17 15.98
C LEU A 223 4.82 -10.81 14.65
N LYS A 224 5.04 -11.82 13.82
CA LYS A 224 5.60 -11.63 12.48
C LYS A 224 4.76 -10.63 11.68
N LEU A 225 3.45 -10.83 11.64
CA LEU A 225 2.55 -9.98 10.86
C LEU A 225 2.42 -8.57 11.40
N LEU A 226 2.50 -8.44 12.73
CA LEU A 226 2.34 -7.16 13.41
C LEU A 226 3.50 -6.20 13.13
N LEU A 227 4.71 -6.76 13.02
CA LEU A 227 5.91 -5.96 12.78
C LEU A 227 6.13 -5.72 11.30
N LYS A 228 5.59 -6.62 10.48
CA LYS A 228 5.55 -6.44 9.02
C LYS A 228 4.78 -5.15 8.73
N GLY A 229 3.64 -4.97 9.40
CA GLY A 229 2.86 -3.73 9.32
C GLY A 229 3.54 -2.57 10.05
N ARG A 230 4.77 -2.81 10.52
CA ARG A 230 5.61 -1.83 11.24
C ARG A 230 4.92 -1.21 12.47
N ALA A 231 5.08 -1.88 13.61
CA ALA A 231 4.35 -1.50 14.83
C ALA A 231 5.23 -0.91 15.94
N LEU A 232 4.58 -0.27 16.90
CA LEU A 232 5.27 0.35 18.03
C LEU A 232 5.79 -0.68 19.01
N VAL A 233 7.07 -0.57 19.33
CA VAL A 233 7.71 -1.43 20.32
C VAL A 233 7.91 -0.62 21.60
N GLY A 234 7.91 -1.30 22.74
CA GLY A 234 8.28 -0.66 24.00
C GLY A 234 7.27 0.31 24.58
N THR A 235 6.06 0.33 24.00
CA THR A 235 4.96 1.08 24.57
C THR A 235 4.52 0.41 25.88
N VAL A 236 4.18 1.23 26.87
CA VAL A 236 3.87 0.75 28.22
C VAL A 236 2.40 0.85 28.58
N ASN A 237 1.93 -0.08 29.41
CA ASN A 237 0.53 -0.12 29.84
C ASN A 237 0.36 0.21 31.33
N GLU A 238 -0.74 -0.24 31.91
CA GLU A 238 -1.06 0.00 33.33
C GLU A 238 -0.05 -0.64 34.29
N ALA A 239 0.51 -1.77 33.89
CA ALA A 239 1.52 -2.45 34.68
C ALA A 239 2.93 -1.90 34.41
N GLY A 240 3.03 -1.06 33.37
CA GLY A 240 4.30 -0.50 32.94
C GLY A 240 5.15 -1.55 32.22
N GLU A 241 4.48 -2.35 31.39
CA GLU A 241 5.14 -3.46 30.69
C GLU A 241 5.24 -3.20 29.18
N THR A 242 6.42 -3.50 28.63
CA THR A 242 6.66 -3.41 27.19
C THR A 242 6.41 -4.78 26.56
N ALA A 243 6.41 -4.83 25.23
CA ALA A 243 6.21 -6.09 24.49
C ALA A 243 7.22 -7.16 24.92
N LEU A 244 8.45 -6.74 25.20
CA LEU A 244 9.51 -7.62 25.67
C LEU A 244 9.20 -8.12 27.08
N ASP A 245 8.59 -7.26 27.89
CA ASP A 245 8.36 -7.52 29.31
C ASP A 245 7.35 -8.64 29.58
N ILE A 246 6.21 -8.62 28.88
CA ILE A 246 5.18 -9.65 29.05
C ILE A 246 5.71 -11.02 28.63
N ALA A 247 6.49 -11.04 27.55
CA ALA A 247 7.10 -12.28 27.05
C ALA A 247 7.99 -12.97 28.09
N ARG A 248 8.41 -12.22 29.10
CA ARG A 248 9.25 -12.74 30.18
C ARG A 248 8.40 -13.20 31.39
N LYS A 249 7.35 -12.44 31.69
CA LYS A 249 6.46 -12.72 32.83
C LYS A 249 5.68 -14.03 32.65
N LYS A 250 5.24 -14.29 31.43
CA LYS A 250 4.60 -15.57 31.07
C LYS A 250 5.60 -16.57 30.48
N HIS A 251 6.86 -16.14 30.39
CA HIS A 251 7.99 -16.99 29.99
C HIS A 251 7.79 -17.71 28.64
N HIS A 252 7.23 -17.00 27.67
CA HIS A 252 7.01 -17.55 26.32
C HIS A 252 8.21 -17.34 25.40
N LYS A 253 9.04 -18.37 25.32
CA LYS A 253 10.42 -18.32 24.80
C LYS A 253 10.60 -17.79 23.36
N GLU A 254 9.86 -18.36 22.41
CA GLU A 254 10.07 -18.09 20.98
C GLU A 254 9.88 -16.62 20.58
N CYS A 255 8.91 -15.96 21.19
CA CYS A 255 8.54 -14.58 20.85
C CYS A 255 9.64 -13.56 21.13
N GLU A 256 10.40 -13.80 22.20
CA GLU A 256 11.44 -12.88 22.66
C GLU A 256 12.59 -12.71 21.66
N GLU A 257 12.79 -13.70 20.79
CA GLU A 257 13.83 -13.66 19.77
C GLU A 257 13.58 -12.60 18.70
N LEU A 258 12.31 -12.43 18.34
CA LEU A 258 11.90 -11.49 17.29
C LEU A 258 11.76 -10.07 17.83
N LEU A 259 11.50 -9.96 19.13
CA LEU A 259 11.37 -8.67 19.80
C LEU A 259 12.71 -8.00 20.05
N GLU A 260 13.76 -8.82 20.18
CA GLU A 260 15.13 -8.31 20.31
C GLU A 260 15.65 -7.76 18.98
N GLN A 261 15.30 -8.43 17.88
CA GLN A 261 15.67 -7.97 16.53
C GLN A 261 14.82 -6.77 16.10
N ALA A 262 13.68 -6.57 16.76
CA ALA A 262 12.76 -5.49 16.42
C ALA A 262 13.36 -4.07 16.56
N GLN A 263 14.61 -4.00 16.98
CA GLN A 263 15.32 -2.71 17.14
C GLN A 263 16.19 -2.38 15.92
N ALA A 264 17.02 -3.35 15.50
CA ALA A 264 17.87 -3.19 14.32
C ALA A 264 17.89 -4.46 13.47
N ASN A 320 18.00 27.53 -26.25
CA ASN A 320 18.22 28.27 -24.97
C ASN A 320 17.58 27.60 -23.76
N LYS A 321 18.37 27.46 -22.68
CA LYS A 321 17.95 26.86 -21.40
C LYS A 321 17.12 25.56 -21.53
N GLU A 322 17.80 24.46 -21.85
CA GLU A 322 17.19 23.13 -21.86
C GLU A 322 17.74 22.30 -20.70
N MET A 323 16.99 21.28 -20.28
CA MET A 323 17.39 20.48 -19.12
C MET A 323 16.77 19.08 -19.08
N ARG A 324 17.64 18.07 -18.97
CA ARG A 324 17.19 16.68 -18.97
C ARG A 324 16.83 16.20 -17.56
N ILE A 325 15.58 15.82 -17.41
CA ILE A 325 15.04 15.39 -16.12
C ILE A 325 14.76 13.91 -16.12
N LEU A 326 15.24 13.23 -15.08
CA LEU A 326 14.88 11.83 -14.86
C LEU A 326 13.91 11.76 -13.69
N MET A 327 12.71 11.23 -13.96
CA MET A 327 11.69 11.18 -12.94
C MET A 327 11.40 9.75 -12.44
N LEU A 328 11.96 9.42 -11.28
CA LEU A 328 11.82 8.08 -10.69
C LEU A 328 11.05 8.09 -9.38
N GLY A 329 10.95 6.91 -8.77
CA GLY A 329 10.13 6.72 -7.58
C GLY A 329 9.54 5.32 -7.63
N LEU A 330 8.98 4.87 -6.50
CA LEU A 330 8.35 3.56 -6.45
C LEU A 330 7.11 3.53 -7.34
N ASP A 331 6.62 2.33 -7.60
CA ASP A 331 5.40 2.13 -8.37
C ASP A 331 4.24 2.91 -7.76
N ALA A 332 3.30 3.30 -8.62
CA ALA A 332 2.08 3.98 -8.21
C ALA A 332 2.32 5.33 -7.51
N ALA A 333 3.55 5.82 -7.55
CA ALA A 333 3.87 7.06 -6.87
C ALA A 333 3.17 8.27 -7.50
N GLY A 334 2.92 8.20 -8.80
CA GLY A 334 2.30 9.30 -9.53
C GLY A 334 3.22 9.91 -10.57
N LYS A 335 4.23 9.13 -10.97
CA LYS A 335 5.24 9.63 -11.89
C LYS A 335 4.61 10.01 -13.23
N THR A 336 3.91 9.07 -13.84
CA THR A 336 3.21 9.31 -15.10
C THR A 336 2.18 10.41 -14.89
N THR A 337 1.46 10.32 -13.76
CA THR A 337 0.42 11.28 -13.43
C THR A 337 0.97 12.70 -13.44
N ILE A 338 2.09 12.91 -12.75
CA ILE A 338 2.72 14.22 -12.71
C ILE A 338 3.10 14.68 -14.11
N LEU A 339 3.87 13.85 -14.81
CA LEU A 339 4.34 14.15 -16.15
C LEU A 339 3.24 14.67 -17.09
N TYR A 340 2.11 13.96 -17.14
CA TYR A 340 1.07 14.30 -18.12
C TYR A 340 0.12 15.43 -17.73
N LYS A 341 -0.12 15.64 -16.44
CA LYS A 341 -0.83 16.81 -15.98
C LYS A 341 -0.03 18.06 -16.35
N LEU A 342 1.30 17.98 -16.17
CA LEU A 342 2.21 19.06 -16.53
C LEU A 342 2.26 19.36 -18.03
N LYS A 343 2.10 18.31 -18.84
CA LYS A 343 2.24 18.43 -20.29
C LYS A 343 0.91 18.75 -20.95
N LEU A 344 -0.18 18.22 -20.40
CA LEU A 344 -1.51 18.40 -20.98
C LEU A 344 -2.31 19.49 -20.29
N GLY A 345 -2.01 19.74 -19.02
CA GLY A 345 -2.75 20.72 -18.23
C GLY A 345 -3.95 20.10 -17.53
N GLN A 346 -4.54 19.09 -18.15
CA GLN A 346 -5.65 18.35 -17.57
C GLN A 346 -5.17 17.01 -17.01
N SER A 347 -5.82 16.55 -15.95
CA SER A 347 -5.49 15.28 -15.32
C SER A 347 -5.98 14.12 -16.17
N VAL A 348 -5.17 13.08 -16.27
CA VAL A 348 -5.54 11.88 -17.03
C VAL A 348 -5.50 10.61 -16.19
N THR A 349 -6.34 9.65 -16.57
CA THR A 349 -6.33 8.30 -15.99
C THR A 349 -5.04 7.58 -16.40
N THR A 350 -4.49 6.75 -15.52
CA THR A 350 -3.23 6.06 -15.79
C THR A 350 -3.21 4.57 -15.49
N ILE A 351 -2.85 3.81 -16.52
CA ILE A 351 -2.43 2.43 -16.42
C ILE A 351 -0.98 2.46 -15.88
N PRO A 352 -0.58 1.42 -15.11
CA PRO A 352 0.84 1.27 -14.74
C PRO A 352 1.77 1.28 -15.96
N THR A 353 2.79 2.12 -15.95
CA THR A 353 3.69 2.22 -17.10
C THR A 353 4.77 1.15 -17.09
N VAL A 354 4.60 0.15 -17.96
CA VAL A 354 5.47 -1.02 -18.03
C VAL A 354 6.85 -0.69 -18.58
N GLY A 355 6.90 0.21 -19.56
CA GLY A 355 8.15 0.77 -19.98
C GLY A 355 8.40 2.09 -19.30
N PHE A 356 8.55 3.14 -20.11
CA PHE A 356 8.85 4.47 -19.63
C PHE A 356 8.18 5.51 -20.54
N ASN A 357 8.11 6.74 -20.09
CA ASN A 357 7.53 7.80 -20.90
C ASN A 357 8.47 8.98 -21.05
N VAL A 358 8.45 9.59 -22.22
CA VAL A 358 9.24 10.80 -22.46
C VAL A 358 8.38 11.88 -23.08
N GLU A 359 8.26 13.00 -22.37
CA GLU A 359 7.59 14.18 -22.90
C GLU A 359 8.41 15.41 -22.52
N THR A 360 8.22 16.49 -23.28
CA THR A 360 8.97 17.72 -23.06
C THR A 360 8.09 18.85 -22.54
N VAL A 361 8.29 19.21 -21.27
CA VAL A 361 7.55 20.30 -20.66
C VAL A 361 8.28 21.63 -20.87
N THR A 362 7.56 22.62 -21.42
CA THR A 362 8.14 23.92 -21.72
C THR A 362 7.55 25.02 -20.82
N TYR A 363 7.86 24.95 -19.53
CA TYR A 363 7.35 25.93 -18.58
C TYR A 363 8.34 27.05 -18.30
N LYS A 364 7.94 28.27 -18.67
CA LYS A 364 8.71 29.51 -18.44
C LYS A 364 10.05 29.55 -19.17
N ASN A 365 9.98 29.41 -20.50
CA ASN A 365 11.15 29.57 -21.37
C ASN A 365 12.29 28.56 -21.12
N VAL A 366 11.94 27.39 -20.58
CA VAL A 366 12.92 26.33 -20.31
C VAL A 366 12.37 24.94 -20.68
N LYS A 367 13.10 24.26 -21.57
CA LYS A 367 12.75 22.92 -22.03
C LYS A 367 13.16 21.89 -21.00
N PHE A 368 12.18 21.07 -20.58
CA PHE A 368 12.43 19.95 -19.68
C PHE A 368 12.26 18.64 -20.42
N ASN A 369 13.35 17.90 -20.59
CA ASN A 369 13.28 16.55 -21.15
C ASN A 369 13.06 15.52 -20.06
N VAL A 370 11.79 15.26 -19.76
CA VAL A 370 11.42 14.40 -18.65
C VAL A 370 11.39 12.93 -19.04
N TRP A 371 12.09 12.11 -18.28
CA TRP A 371 12.08 10.66 -18.47
C TRP A 371 11.41 9.97 -17.29
N ASP A 372 10.15 9.61 -17.52
CA ASP A 372 9.30 8.93 -16.55
C ASP A 372 9.52 7.44 -16.72
N VAL A 373 10.24 6.83 -15.78
CA VAL A 373 10.47 5.39 -15.81
C VAL A 373 9.64 4.68 -14.74
N GLY A 374 8.93 3.63 -15.15
CA GLY A 374 8.15 2.82 -14.22
C GLY A 374 8.99 2.25 -13.10
N GLY A 375 8.37 2.05 -11.94
CA GLY A 375 9.10 1.62 -10.75
C GLY A 375 8.61 0.35 -10.09
N GLN A 376 8.28 -0.66 -10.87
CA GLN A 376 7.94 -1.95 -10.30
C GLN A 376 9.27 -2.56 -9.90
N ASP A 377 9.27 -3.35 -8.83
CA ASP A 377 10.50 -3.92 -8.27
C ASP A 377 11.43 -4.47 -9.35
N LYS A 378 10.87 -5.17 -10.34
CA LYS A 378 11.67 -5.78 -11.40
C LYS A 378 12.22 -4.79 -12.43
N ILE A 379 11.57 -3.65 -12.60
CA ILE A 379 12.00 -2.73 -13.66
C ILE A 379 12.81 -1.54 -13.15
N ARG A 380 13.26 -1.63 -11.89
CA ARG A 380 14.10 -0.59 -11.27
C ARG A 380 15.59 -0.70 -11.62
N PRO A 381 16.14 -1.93 -11.69
CA PRO A 381 17.52 -2.09 -12.16
C PRO A 381 17.81 -1.51 -13.55
N LEU A 382 16.77 -1.03 -14.23
CA LEU A 382 16.97 -0.40 -15.52
C LEU A 382 17.20 1.10 -15.36
N TRP A 383 17.00 1.61 -14.14
CA TRP A 383 17.15 3.04 -13.89
C TRP A 383 18.58 3.50 -14.17
N ARG A 384 19.55 2.65 -13.82
CA ARG A 384 20.98 2.93 -14.03
C ARG A 384 21.25 3.48 -15.42
N HIS A 385 20.53 2.95 -16.40
CA HIS A 385 20.72 3.31 -17.80
C HIS A 385 20.37 4.76 -18.12
N TYR A 386 19.45 5.33 -17.33
CA TYR A 386 18.99 6.68 -17.58
C TYR A 386 19.77 7.74 -16.80
N TYR A 387 20.76 7.30 -16.02
CA TYR A 387 21.54 8.20 -15.19
C TYR A 387 22.47 9.09 -16.00
N THR A 388 23.18 8.51 -16.96
CA THR A 388 24.21 9.22 -17.72
C THR A 388 23.64 10.46 -18.42
N GLY A 389 24.25 11.61 -18.13
CA GLY A 389 23.84 12.89 -18.73
C GLY A 389 22.55 13.47 -18.19
N THR A 390 22.25 13.17 -16.93
CA THR A 390 21.09 13.72 -16.26
C THR A 390 21.50 14.89 -15.36
N GLN A 391 20.65 15.91 -15.33
CA GLN A 391 20.92 17.11 -14.54
C GLN A 391 19.99 17.20 -13.32
N GLY A 392 18.69 17.07 -13.55
CA GLY A 392 17.73 17.12 -12.45
C GLY A 392 17.09 15.77 -12.20
N LEU A 393 16.88 15.45 -10.92
CA LEU A 393 16.18 14.24 -10.54
C LEU A 393 14.86 14.57 -9.83
N ILE A 394 13.77 14.02 -10.36
CA ILE A 394 12.49 14.13 -9.70
C ILE A 394 12.14 12.79 -9.08
N PHE A 395 12.29 12.69 -7.76
CA PHE A 395 11.85 11.51 -7.05
C PHE A 395 10.45 11.73 -6.49
N VAL A 396 9.48 11.05 -7.08
CA VAL A 396 8.09 11.17 -6.66
C VAL A 396 7.85 10.19 -5.53
N VAL A 397 7.28 10.68 -4.43
CA VAL A 397 6.98 9.85 -3.25
C VAL A 397 5.49 9.89 -2.91
N ASP A 398 4.88 8.71 -2.84
CA ASP A 398 3.48 8.58 -2.43
C ASP A 398 3.45 8.66 -0.91
N CYS A 399 2.84 9.73 -0.41
CA CYS A 399 2.89 10.04 1.02
C CYS A 399 1.84 9.31 1.84
N ALA A 400 0.72 8.95 1.21
CA ALA A 400 -0.29 8.12 1.87
C ALA A 400 0.26 6.72 2.14
N ASP A 401 1.29 6.33 1.37
CA ASP A 401 1.93 5.02 1.52
C ASP A 401 2.96 5.03 2.62
N ARG A 402 2.46 5.05 3.85
CA ARG A 402 3.31 5.15 5.04
C ARG A 402 4.11 3.88 5.22
N ASP A 403 3.59 2.78 4.67
CA ASP A 403 4.20 1.46 4.82
C ASP A 403 5.45 1.30 3.99
N ARG A 404 5.46 1.90 2.80
CA ARG A 404 6.59 1.78 1.91
C ARG A 404 7.39 3.06 1.85
N ILE A 405 7.72 3.62 3.01
CA ILE A 405 8.56 4.82 2.99
C ILE A 405 10.05 4.49 3.07
N ASP A 406 10.42 3.56 3.93
CA ASP A 406 11.81 3.11 4.01
C ASP A 406 12.25 2.41 2.73
N GLU A 407 11.28 2.03 1.90
CA GLU A 407 11.56 1.46 0.60
C GLU A 407 11.98 2.59 -0.32
N ALA A 408 11.21 3.68 -0.31
CA ALA A 408 11.56 4.88 -1.07
C ALA A 408 12.85 5.52 -0.55
N ARG A 409 13.05 5.47 0.76
CA ARG A 409 14.28 5.96 1.39
C ARG A 409 15.47 5.26 0.74
N GLN A 410 15.39 3.94 0.67
CA GLN A 410 16.48 3.11 0.13
C GLN A 410 16.72 3.38 -1.34
N GLU A 411 15.64 3.39 -2.12
CA GLU A 411 15.73 3.52 -3.57
C GLU A 411 16.21 4.89 -4.02
N LEU A 412 15.86 5.94 -3.26
CA LEU A 412 16.39 7.26 -3.54
C LEU A 412 17.90 7.28 -3.24
N HIS A 413 18.25 6.82 -2.04
CA HIS A 413 19.62 6.77 -1.60
C HIS A 413 20.49 5.88 -2.47
N ARG A 414 19.86 4.93 -3.16
CA ARG A 414 20.57 4.08 -4.11
C ARG A 414 20.89 4.85 -5.39
N ILE A 415 20.07 5.86 -5.69
CA ILE A 415 20.27 6.69 -6.88
C ILE A 415 21.31 7.80 -6.63
N ILE A 416 21.02 8.66 -5.66
CA ILE A 416 21.85 9.84 -5.38
C ILE A 416 23.28 9.47 -4.97
N ASN A 417 23.50 8.20 -4.66
CA ASN A 417 24.82 7.71 -4.35
C ASN A 417 25.46 6.96 -5.50
N ASP A 418 24.78 6.90 -6.65
CA ASP A 418 25.38 6.32 -7.85
C ASP A 418 26.52 7.23 -8.29
N ARG A 419 27.66 6.62 -8.63
CA ARG A 419 28.85 7.39 -9.01
C ARG A 419 28.64 8.16 -10.33
N GLU A 420 27.57 7.81 -11.05
CA GLU A 420 27.17 8.50 -12.27
C GLU A 420 26.02 9.47 -12.02
N MET A 421 26.01 10.09 -10.83
CA MET A 421 24.86 10.88 -10.43
C MET A 421 25.15 12.03 -9.47
N ARG A 422 26.43 12.30 -9.18
CA ARG A 422 26.74 13.33 -8.18
C ARG A 422 26.12 14.69 -8.55
N ASP A 423 26.47 15.20 -9.74
CA ASP A 423 26.10 16.56 -10.14
C ASP A 423 24.61 16.70 -10.48
N ALA A 424 23.76 16.09 -9.66
CA ALA A 424 22.33 16.12 -9.84
C ALA A 424 21.63 17.06 -8.87
N ILE A 425 20.72 17.86 -9.42
CA ILE A 425 19.71 18.57 -8.65
C ILE A 425 18.65 17.53 -8.24
N ILE A 426 18.27 17.51 -6.98
CA ILE A 426 17.25 16.56 -6.53
C ILE A 426 15.99 17.31 -6.10
N LEU A 427 14.90 17.04 -6.78
CA LEU A 427 13.59 17.53 -6.36
C LEU A 427 12.76 16.34 -5.93
N ILE A 428 12.35 16.34 -4.67
CA ILE A 428 11.43 15.32 -4.19
C ILE A 428 10.02 15.89 -4.24
N PHE A 429 9.13 15.23 -4.96
CA PHE A 429 7.73 15.57 -4.87
C PHE A 429 7.13 14.75 -3.75
N ALA A 430 6.64 15.42 -2.71
CA ALA A 430 5.92 14.75 -1.63
C ALA A 430 4.47 14.62 -2.05
N ASN A 431 4.23 13.74 -3.01
CA ASN A 431 2.97 13.64 -3.72
C ASN A 431 1.79 13.07 -2.91
N LYS A 432 0.57 13.29 -3.42
CA LYS A 432 -0.66 12.76 -2.83
C LYS A 432 -0.97 13.39 -1.47
N GLN A 433 -0.72 14.70 -1.37
CA GLN A 433 -1.00 15.45 -0.13
C GLN A 433 -2.49 15.57 0.15
N ASP A 434 -3.33 15.30 -0.86
CA ASP A 434 -4.78 15.42 -0.74
C ASP A 434 -5.41 14.27 0.06
N LEU A 435 -4.73 13.14 0.12
CA LEU A 435 -5.27 11.95 0.77
C LEU A 435 -5.32 12.10 2.30
N PRO A 436 -6.23 11.35 2.97
CA PRO A 436 -6.60 11.53 4.39
C PRO A 436 -5.41 11.70 5.34
N ASP A 437 -4.87 10.58 5.83
CA ASP A 437 -3.63 10.62 6.57
C ASP A 437 -2.54 10.64 5.53
N ALA A 438 -1.94 11.83 5.38
CA ALA A 438 -1.13 12.11 4.22
C ALA A 438 0.35 12.01 4.49
N MET A 439 0.78 12.38 5.70
CA MET A 439 2.22 12.43 6.01
C MET A 439 2.87 13.64 5.30
N LYS A 440 3.19 14.65 6.10
CA LYS A 440 3.57 15.98 5.62
C LYS A 440 5.00 16.07 5.08
N PRO A 441 5.31 17.13 4.30
CA PRO A 441 6.64 17.24 3.71
C PRO A 441 7.78 17.30 4.71
N HIS A 442 7.60 17.99 5.83
CA HIS A 442 8.66 18.01 6.83
C HIS A 442 8.93 16.59 7.35
N GLU A 443 7.86 15.83 7.55
CA GLU A 443 7.93 14.44 7.98
C GLU A 443 8.62 13.57 6.93
N ILE A 444 8.51 13.98 5.68
CA ILE A 444 9.16 13.31 4.55
C ILE A 444 10.67 13.54 4.56
N GLN A 445 11.09 14.78 4.77
CA GLN A 445 12.51 15.11 4.82
C GLN A 445 13.23 14.19 5.79
N GLU A 446 12.70 14.10 7.01
CA GLU A 446 13.31 13.35 8.08
C GLU A 446 13.34 11.86 7.77
N LYS A 447 12.20 11.30 7.39
CA LYS A 447 12.10 9.87 7.11
C LYS A 447 12.91 9.45 5.90
N LEU A 448 12.88 10.26 4.84
CA LEU A 448 13.70 9.98 3.66
C LEU A 448 15.19 10.15 3.93
N GLY A 449 15.53 10.51 5.18
CA GLY A 449 16.91 10.61 5.64
C GLY A 449 17.69 11.73 5.00
N LEU A 450 17.08 12.92 4.94
CA LEU A 450 17.72 14.10 4.35
C LEU A 450 18.35 15.01 5.40
N THR A 451 18.13 14.69 6.67
CA THR A 451 18.81 15.35 7.78
C THR A 451 20.30 15.41 7.47
N ARG A 452 20.96 14.25 7.37
CA ARG A 452 22.39 14.25 7.03
C ARG A 452 22.62 14.00 5.55
N ILE A 453 22.08 14.91 4.73
CA ILE A 453 22.51 15.01 3.35
C ILE A 453 23.03 16.42 3.10
N ARG A 454 24.36 16.53 3.08
CA ARG A 454 25.04 17.78 2.80
C ARG A 454 26.02 17.57 1.65
N ASP A 455 26.39 18.67 0.99
CA ASP A 455 27.05 18.61 -0.32
C ASP A 455 26.16 17.88 -1.34
N ARG A 456 24.85 18.11 -1.21
CA ARG A 456 23.87 17.68 -2.18
C ARG A 456 22.68 18.63 -2.15
N ASN A 457 22.16 18.96 -3.32
CA ASN A 457 21.10 19.96 -3.45
C ASN A 457 19.69 19.39 -3.58
N TRP A 458 19.07 19.08 -2.44
CA TRP A 458 17.72 18.50 -2.41
C TRP A 458 16.66 19.51 -1.95
N TYR A 459 15.39 19.18 -2.22
CA TYR A 459 14.28 20.09 -1.96
C TYR A 459 12.95 19.35 -2.06
N VAL A 460 12.28 19.18 -0.91
CA VAL A 460 10.99 18.48 -0.85
C VAL A 460 9.84 19.45 -1.15
N GLN A 461 9.03 19.08 -2.14
CA GLN A 461 7.94 19.93 -2.61
C GLN A 461 6.58 19.25 -2.45
N PRO A 462 5.71 19.82 -1.59
CA PRO A 462 4.37 19.30 -1.40
C PRO A 462 3.58 19.40 -2.70
N SER A 463 2.94 18.31 -3.09
CA SER A 463 2.23 18.27 -4.35
C SER A 463 0.99 17.37 -4.34
N CYS A 464 0.13 17.61 -5.32
CA CYS A 464 -1.09 16.85 -5.52
C CYS A 464 -1.39 16.76 -7.02
N ALA A 465 -0.85 15.74 -7.67
CA ALA A 465 -0.93 15.60 -9.12
C ALA A 465 -2.34 15.67 -9.70
N THR A 466 -3.32 15.15 -8.98
CA THR A 466 -4.70 15.13 -9.48
C THR A 466 -5.23 16.54 -9.75
N SER A 467 -4.95 17.45 -8.81
CA SER A 467 -5.40 18.84 -8.88
C SER A 467 -4.39 19.71 -9.62
N GLY A 468 -3.11 19.40 -9.47
CA GLY A 468 -2.04 20.15 -10.11
C GLY A 468 -1.21 20.95 -9.13
N ASP A 469 -1.74 21.11 -7.91
CA ASP A 469 -1.10 21.88 -6.84
C ASP A 469 0.34 21.44 -6.54
N GLY A 470 1.23 22.42 -6.44
CA GLY A 470 2.61 22.18 -6.07
C GLY A 470 3.57 21.83 -7.20
N LEU A 471 3.02 21.42 -8.34
CA LEU A 471 3.83 20.88 -9.45
C LEU A 471 4.72 21.91 -10.15
N TYR A 472 4.11 23.01 -10.59
CA TYR A 472 4.85 24.04 -11.27
C TYR A 472 5.91 24.67 -10.37
N GLU A 473 5.58 24.81 -9.08
CA GLU A 473 6.53 25.28 -8.07
C GLU A 473 7.83 24.47 -8.05
N GLY A 474 7.69 23.16 -8.18
CA GLY A 474 8.84 22.25 -8.28
C GLY A 474 9.71 22.61 -9.47
N LEU A 475 9.09 22.80 -10.62
CA LEU A 475 9.83 23.22 -11.79
C LEU A 475 10.54 24.53 -11.52
N THR A 476 9.81 25.49 -10.92
CA THR A 476 10.35 26.79 -10.57
C THR A 476 11.64 26.63 -9.75
N TRP A 477 11.65 25.64 -8.87
CA TRP A 477 12.84 25.39 -8.06
C TRP A 477 13.99 24.86 -8.90
N LEU A 478 13.67 24.01 -9.88
CA LEU A 478 14.67 23.46 -10.80
C LEU A 478 15.33 24.56 -11.64
N THR A 479 14.50 25.39 -12.27
CA THR A 479 14.94 26.57 -12.98
C THR A 479 15.93 27.36 -12.13
N SER A 480 15.49 27.73 -10.92
CA SER A 480 16.28 28.55 -10.02
C SER A 480 17.58 27.90 -9.58
N ASN A 481 17.52 26.60 -9.24
CA ASN A 481 18.68 25.90 -8.72
C ASN A 481 19.53 25.23 -9.80
N TYR A 482 19.18 25.47 -11.06
CA TYR A 482 20.03 25.11 -12.19
C TYR A 482 21.01 26.26 -12.47
N LYS A 483 21.81 26.58 -11.46
CA LYS A 483 22.76 27.69 -11.54
C LYS A 483 24.11 27.21 -12.10
ZN ZN B . -10.21 -6.06 -15.35
MG MG C . 4.86 5.36 -14.22
PB GDP D . 3.49 5.78 -11.46
O1B GDP D . 4.60 6.21 -10.54
O2B GDP D . 3.69 6.38 -12.83
O3B GDP D . 3.50 4.28 -11.58
O3A GDP D . 2.09 6.24 -10.83
PA GDP D . 0.89 6.85 -11.72
O1A GDP D . 1.40 8.07 -12.42
O2A GDP D . 0.39 5.85 -12.73
O5' GDP D . -0.24 7.20 -10.64
C5' GDP D . -0.71 6.11 -9.84
C4' GDP D . -2.10 6.38 -9.33
O4' GDP D . -2.00 7.29 -8.24
C3' GDP D . -3.02 7.01 -10.38
O3' GDP D . -4.18 6.21 -10.55
C2' GDP D . -3.42 8.36 -9.84
O2' GDP D . -4.84 8.53 -9.93
C1' GDP D . -2.96 8.35 -8.38
N9 GDP D . -2.35 9.65 -8.00
C8 GDP D . -1.23 10.20 -8.53
N7 GDP D . -0.96 11.39 -7.95
C5 GDP D . -1.90 11.62 -7.03
C6 GDP D . -2.23 12.69 -6.05
O6 GDP D . -1.49 13.69 -5.95
N1 GDP D . -3.29 12.55 -5.27
C2 GDP D . -4.10 11.47 -5.34
N2 GDP D . -5.17 11.41 -4.51
N3 GDP D . -3.88 10.46 -6.22
C4 GDP D . -2.83 10.47 -7.06
AL AF3 E . 4.49 3.03 -12.42
F1 AF3 E . 6.06 3.13 -11.78
F2 AF3 E . 4.05 3.87 -13.82
F3 AF3 E . 3.53 1.74 -11.87
CA CA F . 7.52 -3.67 -3.72
#